data_1AKC
#
_entry.id   1AKC
#
_cell.length_a   69.800
_cell.length_b   91.300
_cell.length_c   127.800
_cell.angle_alpha   90.00
_cell.angle_beta   90.00
_cell.angle_gamma   90.00
#
_symmetry.space_group_name_H-M   'C 2 2 21'
#
loop_
_entity.id
_entity.type
_entity.pdbx_description
1 polymer 'ASPARTATE AMINOTRANSFERASE'
2 non-polymer 4-[(1,3-DICARBOXY-PROPYLAMINO)-METHYL]-3-HYDROXY-2-METHYL-5-PHOSPHONOOXYMETHYL-PYRIDINIUM
3 water water
#
_entity_poly.entity_id   1
_entity_poly.type   'polypeptide(L)'
_entity_poly.pdbx_seq_one_letter_code
;SSWWSHVEMGPPDPILGVTEAFKRDTNSKKMNLGVGAYRDDNGKPYVLNCVRKAEAMIAAKKMDKEYLPIAGLADFTRAS
AELALGENSEAFKSGRYVTVQGISGTGSLRVGANFLQRFFKFSRDVYLPKPSWGNHTPIFRDAGLQLQAYRYYDPKTCSL
DFTGAMEDISKIPEKSIILLHACAHNPTGVDPRQEQWKELASVVKKRNLLAYFDMAYQGFASGDINRDAWALRHFIEQGI
DVVLSQSYAHNMGLYGERAGAFTVICRDAEEAKRVESQLKILIRPMYSNPPMNGARIASLILNTPELRKEWLVEVKGMAD
RIISMRTQLVSNLKKEGSSHNWQHITDQIGMFCFTGLKPEQVERLTKEFSIYMTKDGRISVAGVASSNVGYLAHAIHQVT
K
;
_entity_poly.pdbx_strand_id   A
#
# COMPACT_ATOMS: atom_id res chain seq x y z
N SER A 1 -29.30 2.88 -31.71
CA SER A 1 -28.44 1.68 -31.58
C SER A 1 -27.16 1.80 -32.42
N SER A 2 -26.20 2.43 -31.77
CA SER A 2 -24.84 2.71 -32.25
C SER A 2 -23.94 1.61 -31.68
N TRP A 3 -22.67 1.94 -31.57
CA TRP A 3 -21.67 1.00 -31.07
C TRP A 3 -21.81 0.69 -29.58
N TRP A 4 -22.09 1.74 -28.82
CA TRP A 4 -22.13 1.59 -27.35
C TRP A 4 -23.47 1.73 -26.72
N SER A 5 -24.48 1.33 -27.45
CA SER A 5 -25.86 1.42 -26.87
C SER A 5 -25.96 0.42 -25.72
N HIS A 6 -25.24 -0.68 -25.85
CA HIS A 6 -25.23 -1.76 -24.87
C HIS A 6 -24.41 -1.58 -23.60
N VAL A 7 -23.42 -0.71 -23.64
CA VAL A 7 -22.53 -0.46 -22.48
C VAL A 7 -23.28 0.19 -21.33
N GLU A 8 -23.37 -0.52 -20.22
CA GLU A 8 -24.07 -0.08 -19.02
C GLU A 8 -23.30 0.85 -18.10
N MET A 9 -24.13 1.49 -17.27
CA MET A 9 -23.60 2.47 -16.30
C MET A 9 -22.81 1.66 -15.27
N GLY A 10 -21.48 1.82 -15.26
CA GLY A 10 -20.73 1.04 -14.23
C GLY A 10 -20.82 1.91 -12.95
N PRO A 11 -20.65 1.32 -11.79
CA PRO A 11 -20.67 2.03 -10.50
C PRO A 11 -19.35 2.72 -10.19
N PRO A 12 -19.36 3.65 -9.24
CA PRO A 12 -18.16 4.40 -8.83
C PRO A 12 -17.29 3.54 -7.93
N ASP A 13 -16.00 3.75 -8.14
CA ASP A 13 -15.00 3.01 -7.37
C ASP A 13 -15.29 3.17 -5.86
N PRO A 14 -15.35 2.03 -5.19
CA PRO A 14 -15.60 1.97 -3.77
C PRO A 14 -14.66 2.85 -2.94
N ILE A 15 -13.43 3.08 -3.39
CA ILE A 15 -12.51 3.92 -2.66
C ILE A 15 -12.36 5.28 -3.33
N LEU A 16 -11.93 5.24 -4.60
CA LEU A 16 -11.70 6.52 -5.32
C LEU A 16 -12.95 7.35 -5.50
N GLY A 17 -14.10 6.69 -5.56
CA GLY A 17 -15.40 7.36 -5.68
C GLY A 17 -15.76 8.19 -4.47
N VAL A 18 -15.17 7.92 -3.30
CA VAL A 18 -15.48 8.71 -2.10
C VAL A 18 -14.97 10.13 -2.27
N THR A 19 -13.79 10.17 -2.91
CA THR A 19 -13.26 11.51 -3.17
C THR A 19 -14.18 12.21 -4.17
N GLU A 20 -14.71 11.50 -5.16
CA GLU A 20 -15.61 12.19 -6.12
C GLU A 20 -16.81 12.77 -5.39
N ALA A 21 -17.45 11.97 -4.57
CA ALA A 21 -18.62 12.37 -3.75
C ALA A 21 -18.28 13.52 -2.81
N PHE A 22 -17.12 13.35 -2.16
CA PHE A 22 -16.63 14.34 -1.21
C PHE A 22 -16.47 15.70 -1.90
N LYS A 23 -15.89 15.65 -3.09
CA LYS A 23 -15.65 16.90 -3.84
C LYS A 23 -16.91 17.74 -3.98
N ARG A 24 -18.05 17.15 -4.25
CA ARG A 24 -19.32 17.82 -4.41
C ARG A 24 -20.05 18.38 -3.19
N ASP A 25 -19.79 17.92 -2.00
CA ASP A 25 -20.49 18.40 -0.79
C ASP A 25 -20.16 19.88 -0.60
N THR A 26 -21.12 20.63 -0.06
CA THR A 26 -20.92 22.08 0.16
C THR A 26 -20.73 22.38 1.66
N ASN A 27 -20.83 21.31 2.45
CA ASN A 27 -20.60 21.46 3.91
C ASN A 27 -19.15 21.94 4.13
N SER A 28 -19.02 23.10 4.77
CA SER A 28 -17.69 23.67 5.04
C SER A 28 -16.88 22.85 6.04
N LYS A 29 -17.49 22.00 6.83
CA LYS A 29 -16.86 21.14 7.82
C LYS A 29 -16.58 19.74 7.29
N LYS A 30 -16.79 19.50 6.01
CA LYS A 30 -16.59 18.18 5.40
C LYS A 30 -15.15 17.71 5.59
N MET A 31 -15.04 16.40 5.65
CA MET A 31 -13.78 15.66 5.85
C MET A 31 -13.76 14.42 4.94
N ASN A 32 -12.68 14.29 4.20
CA ASN A 32 -12.45 13.20 3.26
C ASN A 32 -11.46 12.23 3.93
N LEU A 33 -12.09 11.26 4.54
CA LEU A 33 -11.40 10.19 5.27
C LEU A 33 -11.50 8.91 4.42
N GLY A 34 -11.61 9.08 3.10
CA GLY A 34 -11.76 7.81 2.33
C GLY A 34 -10.38 7.29 1.94
N VAL A 35 -9.77 7.90 0.93
CA VAL A 35 -8.49 7.36 0.45
C VAL A 35 -7.41 7.68 1.47
N GLY A 36 -6.39 6.83 1.47
CA GLY A 36 -5.30 7.02 2.45
C GLY A 36 -4.39 8.11 1.94
N ALA A 37 -4.64 9.35 2.28
CA ALA A 37 -3.78 10.46 1.81
C ALA A 37 -3.44 11.32 3.02
N TYR A 38 -2.12 11.49 3.12
CA TYR A 38 -1.63 12.25 4.27
C TYR A 38 -2.00 13.72 4.13
N ARG A 39 -2.49 14.20 5.25
CA ARG A 39 -2.86 15.61 5.41
C ARG A 39 -1.97 16.10 6.58
N ASP A 40 -1.59 17.36 6.49
CA ASP A 40 -0.73 17.95 7.56
C ASP A 40 -1.63 18.37 8.72
N ASP A 41 -1.13 18.88 9.85
CA ASP A 41 -1.97 19.22 11.01
C ASP A 41 -3.02 20.31 10.85
N ASN A 42 -3.04 20.90 9.68
CA ASN A 42 -3.97 21.96 9.28
C ASN A 42 -5.05 21.31 8.41
N GLY A 43 -4.81 20.06 8.02
CA GLY A 43 -5.74 19.30 7.19
C GLY A 43 -5.56 19.55 5.70
N LYS A 44 -4.35 19.90 5.33
CA LYS A 44 -3.94 20.24 3.97
C LYS A 44 -2.98 19.23 3.35
N PRO A 45 -3.08 19.09 2.04
CA PRO A 45 -2.17 18.17 1.29
C PRO A 45 -0.78 18.59 1.71
N TYR A 46 0.12 17.64 1.92
CA TYR A 46 1.51 17.91 2.35
C TYR A 46 2.48 17.19 1.42
N VAL A 47 3.30 18.03 0.82
CA VAL A 47 4.37 17.71 -0.10
C VAL A 47 5.66 17.88 0.74
N LEU A 48 6.35 16.81 0.93
CA LEU A 48 7.55 16.86 1.76
C LEU A 48 8.59 17.83 1.20
N ASN A 49 9.25 18.38 2.23
CA ASN A 49 10.35 19.32 2.15
C ASN A 49 11.44 18.79 1.20
N CYS A 50 11.73 17.50 1.41
CA CYS A 50 12.77 16.86 0.60
C CYS A 50 12.24 16.69 -0.82
N VAL A 51 10.90 16.54 -0.91
CA VAL A 51 10.38 16.39 -2.30
C VAL A 51 10.60 17.78 -2.93
N ARG A 52 10.14 18.77 -2.16
CA ARG A 52 10.32 20.17 -2.66
C ARG A 52 11.76 20.44 -3.09
N LYS A 53 12.76 20.05 -2.31
CA LYS A 53 14.17 20.30 -2.70
C LYS A 53 14.62 19.43 -3.86
N ALA A 54 14.19 18.19 -3.96
CA ALA A 54 14.47 17.25 -5.05
C ALA A 54 14.10 17.94 -6.37
N GLU A 55 12.86 18.41 -6.47
CA GLU A 55 12.30 19.11 -7.62
C GLU A 55 13.14 20.33 -8.02
N ALA A 56 13.61 21.09 -7.05
CA ALA A 56 14.42 22.30 -7.25
C ALA A 56 15.76 21.94 -7.89
N MET A 57 16.27 20.82 -7.41
CA MET A 57 17.54 20.29 -7.93
C MET A 57 17.29 20.02 -9.41
N ILE A 58 16.22 19.27 -9.67
CA ILE A 58 15.86 18.92 -11.06
C ILE A 58 15.73 20.15 -11.96
N ALA A 59 15.05 21.13 -11.40
CA ALA A 59 14.78 22.38 -12.15
C ALA A 59 16.11 22.96 -12.57
N ALA A 60 16.90 23.26 -11.56
CA ALA A 60 18.23 23.85 -11.65
C ALA A 60 19.12 23.19 -12.71
N LYS A 61 19.03 21.88 -12.81
CA LYS A 61 19.85 21.14 -13.76
C LYS A 61 19.33 21.27 -15.19
N LYS A 62 18.15 21.80 -15.39
CA LYS A 62 17.57 21.93 -16.74
C LYS A 62 17.61 20.57 -17.44
N MET A 63 17.01 19.58 -16.77
CA MET A 63 17.01 18.23 -17.38
C MET A 63 16.09 18.12 -18.60
N ASP A 64 16.49 17.18 -19.47
CA ASP A 64 15.66 16.90 -20.67
C ASP A 64 14.45 16.07 -20.20
N LYS A 65 13.66 15.63 -21.18
CA LYS A 65 12.47 14.82 -20.91
C LYS A 65 12.45 13.70 -21.94
N GLU A 66 13.65 13.31 -22.37
CA GLU A 66 13.71 12.21 -23.35
C GLU A 66 13.10 10.98 -22.68
N TYR A 67 12.70 10.04 -23.48
CA TYR A 67 12.08 8.78 -23.04
C TYR A 67 13.09 8.00 -22.19
N LEU A 68 12.61 7.37 -21.14
CA LEU A 68 13.36 6.50 -20.23
C LEU A 68 13.27 5.09 -20.85
N PRO A 69 14.24 4.25 -20.56
CA PRO A 69 14.21 2.86 -21.07
C PRO A 69 12.90 2.24 -20.58
N ILE A 70 12.44 1.19 -21.20
CA ILE A 70 11.21 0.51 -20.81
C ILE A 70 11.24 0.09 -19.35
N ALA A 71 12.43 -0.25 -18.84
CA ALA A 71 12.40 -0.70 -17.41
C ALA A 71 12.45 0.43 -16.41
N GLY A 72 12.64 1.65 -16.89
CA GLY A 72 12.69 2.79 -15.94
C GLY A 72 14.08 3.35 -15.67
N LEU A 73 14.10 4.30 -14.73
CA LEU A 73 15.37 4.99 -14.34
C LEU A 73 16.27 4.04 -13.56
N ALA A 74 17.41 3.68 -14.13
CA ALA A 74 18.32 2.71 -13.45
C ALA A 74 18.55 2.93 -11.96
N ASP A 75 18.87 4.16 -11.70
CA ASP A 75 19.18 4.79 -10.44
C ASP A 75 18.01 4.66 -9.47
N PHE A 76 16.81 4.79 -10.02
CA PHE A 76 15.61 4.70 -9.18
C PHE A 76 15.26 3.21 -8.97
N THR A 77 15.53 2.46 -10.01
CA THR A 77 15.21 1.00 -10.01
C THR A 77 16.06 0.33 -8.96
N ARG A 78 17.35 0.57 -9.06
CA ARG A 78 18.38 0.07 -8.15
C ARG A 78 18.16 0.55 -6.70
N ALA A 79 17.87 1.82 -6.48
CA ALA A 79 17.60 2.38 -5.15
C ALA A 79 16.30 1.83 -4.56
N SER A 80 15.32 1.45 -5.36
CA SER A 80 14.07 0.87 -4.86
C SER A 80 14.31 -0.56 -4.34
N ALA A 81 15.09 -1.27 -5.16
CA ALA A 81 15.44 -2.68 -4.84
C ALA A 81 16.06 -2.66 -3.43
N GLU A 82 17.09 -1.79 -3.42
CA GLU A 82 17.90 -1.52 -2.26
C GLU A 82 17.11 -1.12 -1.03
N LEU A 83 16.07 -0.31 -1.17
CA LEU A 83 15.19 0.16 -0.12
C LEU A 83 14.36 -0.99 0.49
N ALA A 84 14.03 -1.94 -0.37
CA ALA A 84 13.20 -3.08 0.09
C ALA A 84 14.06 -4.17 0.73
N LEU A 85 15.07 -4.59 0.00
CA LEU A 85 16.02 -5.66 0.32
C LEU A 85 17.01 -5.38 1.45
N GLY A 86 17.42 -4.14 1.54
CA GLY A 86 18.38 -3.61 2.54
C GLY A 86 19.73 -3.71 1.82
N GLU A 87 20.64 -2.81 2.11
CA GLU A 87 21.98 -2.79 1.50
C GLU A 87 22.85 -4.03 1.73
N ASN A 88 22.73 -4.70 2.87
CA ASN A 88 23.55 -5.88 3.16
C ASN A 88 23.11 -7.16 2.47
N SER A 89 21.86 -7.24 2.12
CA SER A 89 21.19 -8.35 1.46
C SER A 89 22.04 -9.09 0.44
N GLU A 90 22.02 -10.40 0.52
CA GLU A 90 22.77 -11.25 -0.44
C GLU A 90 22.09 -11.14 -1.80
N ALA A 91 20.76 -11.16 -1.86
CA ALA A 91 19.99 -11.06 -3.10
C ALA A 91 20.43 -9.84 -3.91
N PHE A 92 20.44 -8.72 -3.19
CA PHE A 92 20.84 -7.44 -3.79
C PHE A 92 22.30 -7.51 -4.19
N LYS A 93 23.21 -7.77 -3.27
CA LYS A 93 24.68 -7.84 -3.49
C LYS A 93 25.03 -8.68 -4.71
N SER A 94 24.41 -9.83 -4.79
CA SER A 94 24.56 -10.82 -5.86
C SER A 94 23.80 -10.49 -7.15
N GLY A 95 22.88 -9.53 -7.18
CA GLY A 95 22.14 -9.16 -8.38
C GLY A 95 21.17 -10.21 -8.90
N ARG A 96 20.58 -11.01 -8.02
CA ARG A 96 19.59 -12.07 -8.31
C ARG A 96 18.19 -11.46 -8.38
N TYR A 97 18.10 -10.15 -8.54
CA TYR A 97 16.79 -9.49 -8.57
C TYR A 97 16.66 -8.67 -9.84
N VAL A 98 15.40 -8.45 -10.16
CA VAL A 98 15.07 -7.57 -11.29
C VAL A 98 13.89 -6.76 -10.72
N THR A 99 14.20 -5.48 -10.86
CA THR A 99 13.35 -4.37 -10.44
C THR A 99 13.06 -3.52 -11.69
N VAL A 100 11.78 -3.26 -11.81
CA VAL A 100 11.36 -2.46 -13.01
C VAL A 100 10.49 -1.31 -12.51
N GLN A 101 10.73 -0.12 -13.03
CA GLN A 101 9.92 1.02 -12.59
C GLN A 101 8.48 0.65 -12.99
N GLY A 102 7.54 0.90 -12.13
CA GLY A 102 6.14 0.59 -12.45
C GLY A 102 5.33 1.86 -12.20
N ILE A 103 4.12 1.92 -12.70
CA ILE A 103 3.23 3.08 -12.51
C ILE A 103 2.61 3.04 -11.12
N SER A 104 3.44 3.33 -10.13
CA SER A 104 3.03 3.27 -8.73
C SER A 104 2.75 1.81 -8.34
N GLY A 105 2.12 1.66 -7.19
CA GLY A 105 1.84 0.34 -6.61
C GLY A 105 0.94 -0.44 -7.55
N THR A 106 -0.18 0.23 -7.86
CA THR A 106 -1.13 -0.41 -8.78
C THR A 106 -0.50 -0.84 -10.10
N GLY A 107 0.32 0.02 -10.68
CA GLY A 107 1.01 -0.22 -11.95
C GLY A 107 1.94 -1.43 -11.79
N SER A 108 2.67 -1.44 -10.68
CA SER A 108 3.61 -2.53 -10.37
C SER A 108 2.92 -3.88 -10.20
N LEU A 109 1.86 -3.92 -9.44
CA LEU A 109 1.00 -5.05 -9.07
C LEU A 109 0.43 -5.75 -10.29
N ARG A 110 -0.06 -4.86 -11.17
CA ARG A 110 -0.67 -5.35 -12.43
C ARG A 110 0.47 -5.90 -13.31
N VAL A 111 1.62 -5.26 -13.38
CA VAL A 111 2.73 -5.77 -14.22
C VAL A 111 3.13 -7.19 -13.81
N GLY A 112 3.15 -7.37 -12.49
CA GLY A 112 3.48 -8.67 -11.88
C GLY A 112 2.39 -9.70 -12.16
N ALA A 113 1.15 -9.24 -11.99
CA ALA A 113 -0.05 -10.06 -12.21
C ALA A 113 0.03 -10.58 -13.63
N ASN A 114 0.30 -9.69 -14.56
CA ASN A 114 0.42 -9.96 -16.00
C ASN A 114 1.61 -10.90 -16.27
N PHE A 115 2.68 -10.66 -15.59
CA PHE A 115 3.92 -11.46 -15.71
C PHE A 115 3.62 -12.90 -15.29
N LEU A 116 2.99 -13.04 -14.12
CA LEU A 116 2.63 -14.36 -13.59
C LEU A 116 1.67 -15.10 -14.52
N GLN A 117 0.65 -14.39 -14.99
CA GLN A 117 -0.36 -14.90 -15.90
C GLN A 117 0.38 -15.60 -17.04
N ARG A 118 1.37 -14.86 -17.53
CA ARG A 118 2.18 -15.36 -18.64
C ARG A 118 3.24 -16.38 -18.33
N PHE A 119 3.93 -16.24 -17.20
CA PHE A 119 5.04 -17.15 -16.90
C PHE A 119 4.93 -18.10 -15.71
N PHE A 120 3.97 -17.90 -14.87
CA PHE A 120 3.78 -18.77 -13.69
C PHE A 120 2.96 -20.00 -14.15
N LYS A 121 3.65 -20.99 -14.69
CA LYS A 121 3.00 -22.22 -15.17
C LYS A 121 2.43 -23.15 -14.11
N PHE A 122 2.77 -22.93 -12.84
CA PHE A 122 2.25 -23.77 -11.77
C PHE A 122 0.83 -23.51 -11.29
N SER A 123 0.25 -22.36 -11.52
CA SER A 123 -1.12 -22.14 -11.04
C SER A 123 -1.72 -20.85 -11.57
N ARG A 124 -3.02 -20.69 -11.43
CA ARG A 124 -3.84 -19.55 -11.79
C ARG A 124 -4.53 -18.97 -10.55
N ASP A 125 -4.22 -19.48 -9.36
CA ASP A 125 -4.81 -19.03 -8.10
C ASP A 125 -3.93 -18.09 -7.28
N VAL A 126 -4.59 -17.06 -6.78
CA VAL A 126 -3.98 -16.02 -5.93
C VAL A 126 -4.87 -15.93 -4.69
N TYR A 127 -4.19 -16.19 -3.59
CA TYR A 127 -4.90 -16.19 -2.29
C TYR A 127 -4.82 -14.82 -1.69
N LEU A 128 -5.93 -14.18 -1.40
CA LEU A 128 -5.85 -12.83 -0.77
C LEU A 128 -6.34 -13.01 0.66
N PRO A 129 -5.87 -12.17 1.57
CA PRO A 129 -6.29 -12.24 2.96
C PRO A 129 -7.71 -11.79 3.17
N LYS A 130 -8.48 -12.29 4.09
CA LYS A 130 -9.84 -11.73 4.26
C LYS A 130 -9.79 -10.75 5.42
N PRO A 131 -9.99 -9.47 5.19
CA PRO A 131 -10.26 -8.80 3.92
C PRO A 131 -8.99 -8.23 3.35
N SER A 132 -9.14 -7.63 2.19
CA SER A 132 -7.96 -7.03 1.54
C SER A 132 -8.40 -5.70 0.90
N TRP A 133 -7.42 -4.99 0.36
CA TRP A 133 -7.72 -3.70 -0.30
C TRP A 133 -8.67 -4.10 -1.42
N GLY A 134 -9.83 -3.48 -1.52
CA GLY A 134 -10.76 -3.89 -2.59
C GLY A 134 -10.11 -4.11 -3.95
N ASN A 135 -9.21 -3.27 -4.37
CA ASN A 135 -8.55 -3.34 -5.68
C ASN A 135 -7.72 -4.55 -6.00
N HIS A 136 -7.32 -5.38 -5.04
CA HIS A 136 -6.50 -6.55 -5.36
C HIS A 136 -7.31 -7.50 -6.23
N THR A 137 -8.62 -7.53 -6.07
CA THR A 137 -9.43 -8.52 -6.88
C THR A 137 -9.33 -8.30 -8.38
N PRO A 138 -9.80 -7.13 -8.76
CA PRO A 138 -9.81 -6.70 -10.16
C PRO A 138 -8.42 -6.65 -10.73
N ILE A 139 -7.46 -6.21 -9.91
CA ILE A 139 -6.10 -6.22 -10.51
C ILE A 139 -5.77 -7.61 -11.03
N PHE A 140 -6.00 -8.62 -10.21
CA PHE A 140 -5.66 -10.03 -10.52
C PHE A 140 -6.57 -10.66 -11.54
N ARG A 141 -7.83 -10.34 -11.32
CA ARG A 141 -8.91 -10.84 -12.21
C ARG A 141 -8.70 -10.32 -13.63
N ASP A 142 -8.52 -9.04 -13.90
CA ASP A 142 -8.30 -8.50 -15.26
C ASP A 142 -7.01 -9.04 -15.90
N ALA A 143 -5.98 -9.40 -15.12
CA ALA A 143 -4.73 -9.93 -15.65
C ALA A 143 -4.95 -11.36 -16.15
N GLY A 144 -5.94 -12.04 -15.58
CA GLY A 144 -6.26 -13.41 -15.98
C GLY A 144 -6.10 -14.50 -14.95
N LEU A 145 -5.92 -14.14 -13.69
CA LEU A 145 -5.75 -15.18 -12.63
C LEU A 145 -7.05 -15.34 -11.85
N GLN A 146 -7.08 -16.36 -11.04
CA GLN A 146 -8.29 -16.71 -10.24
C GLN A 146 -8.01 -16.18 -8.85
N LEU A 147 -9.02 -15.76 -8.11
CA LEU A 147 -8.82 -15.26 -6.76
C LEU A 147 -9.30 -16.29 -5.73
N GLN A 148 -8.49 -16.44 -4.71
CA GLN A 148 -8.87 -17.35 -3.59
C GLN A 148 -8.69 -16.50 -2.32
N ALA A 149 -9.01 -17.10 -1.18
CA ALA A 149 -8.90 -16.38 0.07
C ALA A 149 -8.39 -17.24 1.22
N TYR A 150 -7.80 -16.52 2.16
CA TYR A 150 -7.22 -17.03 3.40
C TYR A 150 -7.74 -16.18 4.56
N ARG A 151 -8.11 -16.81 5.68
CA ARG A 151 -8.61 -16.03 6.82
C ARG A 151 -7.53 -15.12 7.39
N TYR A 152 -7.94 -13.93 7.78
CA TYR A 152 -6.93 -13.02 8.36
C TYR A 152 -7.39 -12.23 9.58
N TYR A 153 -8.51 -11.55 9.34
CA TYR A 153 -9.06 -10.67 10.37
C TYR A 153 -10.21 -11.30 11.13
N ASP A 154 -10.17 -11.06 12.41
CA ASP A 154 -11.20 -11.55 13.35
C ASP A 154 -11.86 -10.26 13.89
N PRO A 155 -13.04 -10.08 13.33
CA PRO A 155 -13.85 -8.91 13.69
C PRO A 155 -14.32 -8.97 15.13
N LYS A 156 -14.64 -10.17 15.62
CA LYS A 156 -15.11 -10.33 17.00
C LYS A 156 -14.07 -9.76 17.97
N THR A 157 -12.85 -10.16 17.73
CA THR A 157 -11.71 -9.74 18.55
C THR A 157 -10.90 -8.55 18.12
N CYS A 158 -11.16 -7.92 16.99
CA CYS A 158 -10.52 -6.79 16.35
C CYS A 158 -9.02 -7.03 16.18
N SER A 159 -8.71 -8.21 15.69
CA SER A 159 -7.31 -8.60 15.48
C SER A 159 -7.17 -9.75 14.48
N LEU A 160 -5.92 -10.09 14.28
CA LEU A 160 -5.52 -11.14 13.34
C LEU A 160 -5.88 -12.53 13.82
N ASP A 161 -6.66 -13.31 13.08
CA ASP A 161 -7.02 -14.72 13.43
C ASP A 161 -5.94 -15.65 12.85
N PHE A 162 -4.87 -15.70 13.61
CA PHE A 162 -3.66 -16.48 13.29
C PHE A 162 -3.96 -17.96 13.01
N THR A 163 -4.69 -18.58 13.91
CA THR A 163 -5.08 -20.00 13.79
C THR A 163 -5.77 -20.27 12.47
N GLY A 164 -6.74 -19.41 12.14
CA GLY A 164 -7.50 -19.49 10.89
C GLY A 164 -6.58 -19.31 9.67
N ALA A 165 -5.66 -18.34 9.77
CA ALA A 165 -4.73 -18.10 8.67
C ALA A 165 -3.79 -19.26 8.37
N MET A 166 -3.27 -19.78 9.47
CA MET A 166 -2.30 -20.89 9.44
C MET A 166 -3.01 -22.12 8.88
N GLU A 167 -4.21 -22.35 9.38
CA GLU A 167 -5.00 -23.50 8.88
C GLU A 167 -5.19 -23.39 7.37
N ASP A 168 -5.79 -22.26 6.98
CA ASP A 168 -6.06 -21.92 5.57
C ASP A 168 -4.76 -22.04 4.79
N ILE A 169 -3.72 -21.32 5.21
CA ILE A 169 -2.41 -21.41 4.54
C ILE A 169 -1.75 -22.77 4.48
N SER A 170 -1.85 -23.56 5.52
CA SER A 170 -1.21 -24.89 5.53
C SER A 170 -1.83 -25.82 4.49
N LYS A 171 -3.05 -25.50 4.07
CA LYS A 171 -3.83 -26.22 3.08
C LYS A 171 -3.77 -25.63 1.66
N ILE A 172 -3.26 -24.43 1.44
CA ILE A 172 -3.28 -23.95 0.03
C ILE A 172 -2.46 -24.93 -0.77
N PRO A 173 -2.95 -25.30 -1.92
CA PRO A 173 -2.19 -26.19 -2.81
C PRO A 173 -0.80 -25.65 -3.09
N GLU A 174 0.12 -26.58 -3.18
CA GLU A 174 1.54 -26.28 -3.45
C GLU A 174 1.73 -25.57 -4.78
N LYS A 175 2.66 -24.64 -4.77
CA LYS A 175 2.95 -23.86 -5.99
C LYS A 175 1.86 -22.85 -6.33
N SER A 176 0.95 -22.59 -5.40
CA SER A 176 -0.09 -21.57 -5.60
C SER A 176 0.65 -20.26 -5.30
N ILE A 177 -0.06 -19.17 -5.41
CA ILE A 177 0.37 -17.80 -5.18
C ILE A 177 -0.38 -17.14 -4.01
N ILE A 178 0.39 -16.58 -3.08
CA ILE A 178 -0.23 -15.93 -1.90
C ILE A 178 0.16 -14.46 -1.83
N LEU A 179 -0.84 -13.60 -1.70
CA LEU A 179 -0.51 -12.16 -1.64
C LEU A 179 -0.45 -11.79 -0.16
N LEU A 180 0.65 -11.09 0.14
CA LEU A 180 0.85 -10.67 1.53
C LEU A 180 1.11 -9.18 1.52
N HIS A 181 0.56 -8.58 2.55
CA HIS A 181 0.84 -7.14 2.68
C HIS A 181 2.12 -7.07 3.53
N ALA A 182 3.15 -6.43 3.05
CA ALA A 182 4.42 -6.32 3.79
C ALA A 182 4.24 -5.74 5.19
N CYS A 183 3.45 -4.71 5.35
CA CYS A 183 3.18 -4.00 6.59
C CYS A 183 1.98 -3.05 6.47
N ALA A 184 1.38 -2.70 7.61
CA ALA A 184 0.22 -1.78 7.64
C ALA A 184 -0.82 -2.40 6.71
N HIS A 185 -1.27 -3.58 7.10
CA HIS A 185 -2.26 -4.31 6.27
C HIS A 185 -3.41 -3.33 6.03
N ASN A 186 -3.89 -3.28 4.81
CA ASN A 186 -4.99 -2.45 4.33
C ASN A 186 -6.18 -3.37 4.01
N PRO A 187 -7.33 -3.23 4.64
CA PRO A 187 -7.69 -2.23 5.63
C PRO A 187 -7.70 -2.45 7.12
N THR A 188 -7.24 -3.56 7.66
CA THR A 188 -7.37 -3.76 9.12
C THR A 188 -6.39 -3.04 10.02
N GLY A 189 -5.23 -2.65 9.53
CA GLY A 189 -4.21 -1.96 10.35
C GLY A 189 -3.59 -2.89 11.40
N VAL A 190 -3.74 -4.20 11.22
CA VAL A 190 -3.18 -5.24 12.06
C VAL A 190 -2.15 -6.09 11.29
N ASP A 191 -0.89 -6.12 11.67
CA ASP A 191 0.09 -7.00 10.99
C ASP A 191 0.42 -8.18 11.90
N PRO A 192 0.97 -9.22 11.31
CA PRO A 192 1.39 -10.38 12.14
C PRO A 192 2.53 -9.88 13.02
N ARG A 193 2.75 -10.53 14.15
CA ARG A 193 3.90 -10.12 15.04
C ARG A 193 5.12 -10.80 14.43
N GLN A 194 6.35 -10.36 14.64
CA GLN A 194 7.55 -11.01 14.10
C GLN A 194 7.60 -12.54 14.32
N GLU A 195 7.20 -12.96 15.52
CA GLU A 195 7.16 -14.39 15.85
C GLU A 195 6.27 -15.04 14.79
N GLN A 196 5.08 -14.48 14.62
CA GLN A 196 4.03 -14.84 13.70
C GLN A 196 4.49 -14.94 12.25
N TRP A 197 5.21 -13.91 11.83
CA TRP A 197 5.79 -13.84 10.48
C TRP A 197 6.69 -15.06 10.27
N LYS A 198 7.51 -15.36 11.28
CA LYS A 198 8.44 -16.50 11.23
C LYS A 198 7.72 -17.81 10.97
N GLU A 199 6.55 -17.97 11.56
CA GLU A 199 5.74 -19.18 11.38
C GLU A 199 5.10 -19.30 10.00
N LEU A 200 4.75 -18.15 9.44
CA LEU A 200 4.18 -17.98 8.10
C LEU A 200 5.26 -18.35 7.06
N ALA A 201 6.47 -17.86 7.29
CA ALA A 201 7.61 -18.12 6.42
C ALA A 201 7.69 -19.63 6.15
N SER A 202 7.79 -20.37 7.23
CA SER A 202 7.90 -21.81 7.33
C SER A 202 6.87 -22.48 6.45
N VAL A 203 5.60 -22.12 6.75
CA VAL A 203 4.53 -22.75 5.95
C VAL A 203 4.52 -22.44 4.46
N VAL A 204 4.96 -21.24 4.16
CA VAL A 204 5.00 -20.78 2.76
C VAL A 204 6.10 -21.58 2.06
N LYS A 205 7.22 -21.60 2.73
CA LYS A 205 8.45 -22.30 2.25
C LYS A 205 8.05 -23.75 2.07
N LYS A 206 7.54 -24.41 3.09
CA LYS A 206 7.09 -25.80 3.12
C LYS A 206 6.10 -26.16 2.03
N ARG A 207 5.09 -25.29 1.85
CA ARG A 207 4.08 -25.56 0.79
C ARG A 207 4.61 -25.14 -0.57
N ASN A 208 5.77 -24.49 -0.59
CA ASN A 208 6.33 -24.06 -1.90
C ASN A 208 5.31 -23.19 -2.64
N LEU A 209 4.94 -22.07 -2.05
CA LEU A 209 3.99 -21.10 -2.56
C LEU A 209 4.83 -19.91 -3.07
N LEU A 210 4.28 -19.24 -4.09
CA LEU A 210 4.96 -18.04 -4.60
C LEU A 210 4.38 -16.91 -3.71
N ALA A 211 5.28 -16.29 -2.96
CA ALA A 211 4.86 -15.21 -2.05
C ALA A 211 4.88 -13.89 -2.83
N TYR A 212 3.75 -13.23 -2.93
CA TYR A 212 3.69 -11.92 -3.60
C TYR A 212 3.42 -10.84 -2.54
N PHE A 213 4.44 -10.02 -2.33
CA PHE A 213 4.32 -8.94 -1.34
C PHE A 213 3.92 -7.61 -1.93
N ASP A 214 2.89 -7.08 -1.28
CA ASP A 214 2.37 -5.74 -1.64
C ASP A 214 2.92 -4.78 -0.56
N MET A 215 3.92 -3.99 -0.88
CA MET A 215 4.55 -3.03 0.04
C MET A 215 4.28 -1.59 -0.37
N ALA A 216 3.11 -1.15 0.05
CA ALA A 216 2.62 0.21 -0.20
C ALA A 216 2.95 1.18 0.92
N TYR A 217 3.11 0.68 2.16
CA TYR A 217 3.37 1.65 3.24
C TYR A 217 4.69 1.52 3.97
N GLN A 218 5.78 1.23 3.33
CA GLN A 218 7.08 1.09 4.06
C GLN A 218 7.34 2.42 4.77
N GLY A 219 7.41 2.38 6.09
CA GLY A 219 7.65 3.42 7.04
C GLY A 219 6.42 3.87 7.84
N PHE A 220 5.25 3.32 7.51
CA PHE A 220 4.00 3.76 8.18
C PHE A 220 3.45 2.84 9.24
N ALA A 221 4.16 1.72 9.33
CA ALA A 221 3.76 0.73 10.32
C ALA A 221 4.45 1.03 11.65
N SER A 222 5.74 1.28 11.64
CA SER A 222 6.47 1.54 12.91
C SER A 222 7.06 2.95 12.98
N GLY A 223 7.25 3.48 11.81
CA GLY A 223 7.80 4.83 11.54
C GLY A 223 9.27 4.68 11.19
N ASP A 224 9.65 3.43 11.04
CA ASP A 224 11.02 3.03 10.72
C ASP A 224 10.99 2.23 9.43
N ILE A 225 11.72 2.62 8.41
CA ILE A 225 11.67 1.85 7.16
C ILE A 225 12.30 0.48 7.21
N ASN A 226 13.42 0.30 7.88
CA ASN A 226 14.05 -1.06 7.88
C ASN A 226 13.14 -1.97 8.70
N ARG A 227 12.72 -1.38 9.85
CA ARG A 227 11.82 -2.23 10.68
C ARG A 227 10.62 -2.76 9.89
N ASP A 228 10.01 -1.90 9.08
CA ASP A 228 8.84 -2.24 8.28
C ASP A 228 9.14 -3.25 7.18
N ALA A 229 10.39 -3.31 6.73
CA ALA A 229 10.75 -4.29 5.68
C ALA A 229 11.19 -5.62 6.24
N TRP A 230 11.11 -5.82 7.55
CA TRP A 230 11.54 -7.08 8.18
C TRP A 230 11.03 -8.38 7.58
N ALA A 231 9.72 -8.53 7.60
CA ALA A 231 9.06 -9.75 7.09
C ALA A 231 9.63 -10.13 5.75
N LEU A 232 9.53 -9.18 4.84
CA LEU A 232 9.98 -9.27 3.48
C LEU A 232 11.41 -9.81 3.40
N ARG A 233 12.25 -9.23 4.23
CA ARG A 233 13.68 -9.62 4.27
C ARG A 233 13.91 -11.00 4.87
N HIS A 234 13.05 -11.24 5.86
CA HIS A 234 13.10 -12.55 6.53
C HIS A 234 12.79 -13.65 5.53
N PHE A 235 11.70 -13.54 4.76
CA PHE A 235 11.35 -14.58 3.75
C PHE A 235 12.44 -14.88 2.73
N ILE A 236 13.01 -13.82 2.16
CA ILE A 236 14.08 -13.96 1.17
C ILE A 236 15.25 -14.73 1.74
N GLU A 237 15.60 -14.35 2.95
CA GLU A 237 16.63 -14.89 3.82
C GLU A 237 16.35 -16.34 4.22
N GLN A 238 15.09 -16.74 4.33
CA GLN A 238 14.72 -18.14 4.63
C GLN A 238 14.78 -18.95 3.32
N GLY A 239 15.09 -18.31 2.21
CA GLY A 239 15.21 -18.93 0.88
C GLY A 239 13.96 -18.90 0.05
N ILE A 240 13.08 -17.98 0.37
CA ILE A 240 11.79 -17.79 -0.33
C ILE A 240 12.09 -16.63 -1.31
N ASP A 241 11.93 -16.91 -2.57
CA ASP A 241 12.12 -16.00 -3.68
C ASP A 241 10.72 -15.42 -3.96
N VAL A 242 10.53 -14.19 -3.53
CA VAL A 242 9.26 -13.49 -3.71
C VAL A 242 9.26 -12.60 -4.96
N VAL A 243 8.08 -12.04 -5.14
CA VAL A 243 7.90 -11.03 -6.23
C VAL A 243 7.39 -9.90 -5.33
N LEU A 244 7.68 -8.68 -5.73
CA LEU A 244 7.22 -7.60 -4.82
C LEU A 244 6.77 -6.35 -5.57
N SER A 245 5.77 -5.68 -4.97
CA SER A 245 5.38 -4.42 -5.60
C SER A 245 5.60 -3.29 -4.56
N GLN A 246 6.21 -2.19 -4.96
CA GLN A 246 6.45 -1.06 -4.07
C GLN A 246 5.73 0.18 -4.66
N SER A 247 5.24 1.02 -3.79
CA SER A 247 4.60 2.29 -4.03
C SER A 247 5.33 3.36 -3.19
N TYR A 248 5.52 4.54 -3.77
CA TYR A 248 6.14 5.68 -3.08
C TYR A 248 5.06 6.76 -2.94
N ALA A 249 3.80 6.36 -3.16
CA ALA A 249 2.71 7.33 -3.07
C ALA A 249 2.51 7.89 -1.67
N HIS A 250 2.58 7.03 -0.65
CA HIS A 250 2.36 7.58 0.72
C HIS A 250 3.60 8.02 1.44
N ASN A 251 4.60 7.12 1.50
CA ASN A 251 5.85 7.42 2.22
C ASN A 251 6.58 8.63 1.62
N MET A 252 6.36 8.94 0.35
CA MET A 252 7.06 10.13 -0.23
C MET A 252 6.05 11.21 -0.64
N GLY A 253 4.78 10.95 -0.43
CA GLY A 253 3.67 11.84 -0.76
C GLY A 253 3.71 12.21 -2.25
N LEU A 254 4.00 11.28 -3.11
CA LEU A 254 4.12 11.38 -4.55
C LEU A 254 2.83 10.90 -5.25
N TYR A 255 1.74 10.76 -4.54
CA TYR A 255 0.47 10.27 -5.05
C TYR A 255 0.25 10.30 -6.57
N GLY A 256 0.02 11.49 -7.11
CA GLY A 256 -0.25 11.74 -8.52
C GLY A 256 0.89 11.64 -9.50
N GLU A 257 2.14 11.56 -9.04
CA GLU A 257 3.27 11.48 -10.00
C GLU A 257 3.51 10.04 -10.40
N ARG A 258 2.88 9.15 -9.65
CA ARG A 258 2.95 7.70 -9.92
C ARG A 258 4.35 7.11 -10.05
N ALA A 259 5.02 6.87 -8.94
CA ALA A 259 6.36 6.29 -8.82
C ALA A 259 6.19 4.97 -8.08
N GLY A 260 6.79 3.90 -8.57
CA GLY A 260 6.62 2.60 -7.86
C GLY A 260 7.54 1.62 -8.57
N ALA A 261 7.55 0.38 -8.13
CA ALA A 261 8.42 -0.64 -8.76
C ALA A 261 7.92 -2.06 -8.51
N PHE A 262 8.36 -2.94 -9.37
CA PHE A 262 7.97 -4.35 -9.26
C PHE A 262 9.29 -5.12 -9.34
N THR A 263 9.42 -6.00 -8.36
CA THR A 263 10.63 -6.82 -8.31
C THR A 263 10.37 -8.31 -8.23
N VAL A 264 11.31 -8.99 -8.88
CA VAL A 264 11.25 -10.48 -8.85
C VAL A 264 12.62 -10.93 -8.30
N ILE A 265 12.64 -11.82 -7.32
CA ILE A 265 13.93 -12.32 -6.81
C ILE A 265 14.11 -13.64 -7.57
N CYS A 266 15.18 -13.78 -8.27
CA CYS A 266 15.63 -14.90 -9.07
C CYS A 266 16.80 -15.64 -8.39
N ARG A 267 17.15 -16.71 -9.06
CA ARG A 267 18.22 -17.63 -8.65
C ARG A 267 19.63 -17.09 -8.84
N ASP A 268 19.91 -16.45 -9.96
CA ASP A 268 21.22 -15.90 -10.32
C ASP A 268 20.98 -14.55 -11.03
N ALA A 269 22.07 -13.87 -11.38
CA ALA A 269 21.97 -12.61 -12.12
C ALA A 269 21.62 -12.94 -13.58
N GLU A 270 21.94 -14.13 -14.07
CA GLU A 270 21.60 -14.54 -15.43
C GLU A 270 20.10 -14.79 -15.56
N GLU A 271 19.45 -15.35 -14.55
CA GLU A 271 17.98 -15.57 -14.66
C GLU A 271 17.34 -14.18 -14.66
N ALA A 272 17.85 -13.36 -13.73
CA ALA A 272 17.45 -11.97 -13.56
C ALA A 272 17.47 -11.32 -14.96
N LYS A 273 18.51 -11.61 -15.73
CA LYS A 273 18.62 -11.00 -17.06
C LYS A 273 17.51 -11.45 -17.99
N ARG A 274 17.24 -12.73 -18.01
CA ARG A 274 16.17 -13.29 -18.84
C ARG A 274 14.79 -12.77 -18.46
N VAL A 275 14.52 -12.63 -17.17
CA VAL A 275 13.24 -12.14 -16.66
C VAL A 275 13.05 -10.68 -17.06
N GLU A 276 14.13 -9.94 -16.94
CA GLU A 276 14.11 -8.49 -17.34
C GLU A 276 13.65 -8.48 -18.79
N SER A 277 14.30 -9.22 -19.69
CA SER A 277 13.96 -9.27 -21.12
C SER A 277 12.45 -9.38 -21.34
N GLN A 278 11.88 -10.38 -20.69
CA GLN A 278 10.45 -10.67 -20.78
C GLN A 278 9.56 -9.61 -20.15
N LEU A 279 9.97 -8.95 -19.09
CA LEU A 279 9.21 -7.90 -18.41
C LEU A 279 9.12 -6.67 -19.32
N LYS A 280 10.22 -6.46 -20.06
CA LYS A 280 10.31 -5.29 -20.97
C LYS A 280 9.25 -5.44 -22.05
N ILE A 281 9.28 -6.68 -22.55
CA ILE A 281 8.33 -7.14 -23.58
C ILE A 281 6.88 -7.00 -23.17
N LEU A 282 6.58 -7.25 -21.89
CA LEU A 282 5.22 -7.09 -21.35
C LEU A 282 4.88 -5.58 -21.23
N ILE A 283 5.82 -4.80 -20.74
CA ILE A 283 5.59 -3.37 -20.51
C ILE A 283 5.44 -2.62 -21.81
N ARG A 284 6.26 -3.00 -22.78
CA ARG A 284 6.26 -2.31 -24.09
C ARG A 284 4.91 -2.04 -24.71
N PRO A 285 4.10 -3.08 -24.91
CA PRO A 285 2.77 -2.96 -25.50
C PRO A 285 1.61 -2.55 -24.59
N MET A 286 1.95 -2.15 -23.39
CA MET A 286 1.16 -1.66 -22.28
C MET A 286 1.25 -0.15 -22.10
N TYR A 287 2.42 0.45 -21.92
CA TYR A 287 2.53 1.92 -21.77
C TYR A 287 3.86 2.39 -22.35
N SER A 288 4.63 1.45 -22.88
CA SER A 288 5.94 1.69 -23.52
C SER A 288 7.12 1.97 -22.58
N ASN A 289 7.04 3.02 -21.81
CA ASN A 289 8.15 3.42 -20.87
C ASN A 289 7.38 4.23 -19.82
N PRO A 290 7.91 4.38 -18.62
CA PRO A 290 7.23 5.04 -17.49
C PRO A 290 7.46 6.50 -17.25
N PRO A 291 6.51 7.12 -16.53
CA PRO A 291 6.54 8.54 -16.19
C PRO A 291 7.83 8.87 -15.41
N MET A 292 8.56 9.87 -15.89
CA MET A 292 9.83 10.28 -15.34
C MET A 292 9.90 11.16 -14.11
N ASN A 293 8.96 12.02 -13.86
CA ASN A 293 9.01 12.96 -12.70
C ASN A 293 9.10 12.29 -11.32
N GLY A 294 8.11 11.50 -10.95
CA GLY A 294 8.09 10.79 -9.65
C GLY A 294 9.40 10.04 -9.47
N ALA A 295 9.81 9.33 -10.51
CA ALA A 295 11.05 8.55 -10.50
C ALA A 295 12.30 9.39 -10.34
N ARG A 296 12.32 10.58 -10.93
CA ARG A 296 13.48 11.46 -10.83
C ARG A 296 13.58 11.99 -9.40
N ILE A 297 12.46 12.41 -8.85
CA ILE A 297 12.36 12.95 -7.51
C ILE A 297 12.80 11.90 -6.49
N ALA A 298 12.18 10.72 -6.59
CA ALA A 298 12.48 9.63 -5.66
C ALA A 298 13.94 9.17 -5.75
N SER A 299 14.48 9.12 -6.95
CA SER A 299 15.88 8.73 -7.17
C SER A 299 16.84 9.68 -6.45
N LEU A 300 16.64 10.96 -6.56
CA LEU A 300 17.43 12.05 -5.98
C LEU A 300 17.36 11.93 -4.47
N ILE A 301 16.16 11.83 -3.89
CA ILE A 301 16.05 11.68 -2.42
C ILE A 301 16.80 10.44 -1.91
N LEU A 302 16.45 9.31 -2.52
CA LEU A 302 17.03 8.02 -2.17
C LEU A 302 18.55 7.99 -2.25
N ASN A 303 19.10 8.44 -3.36
CA ASN A 303 20.54 8.46 -3.62
C ASN A 303 21.30 9.67 -3.06
N THR A 304 20.61 10.63 -2.47
CA THR A 304 21.24 11.82 -1.90
C THR A 304 21.15 11.79 -0.37
N PRO A 305 22.27 11.34 0.17
CA PRO A 305 22.52 11.25 1.60
C PRO A 305 21.75 12.20 2.51
N GLU A 306 21.84 13.50 2.27
CA GLU A 306 21.17 14.53 3.10
C GLU A 306 19.68 14.58 2.88
N LEU A 307 19.34 14.23 1.66
CA LEU A 307 17.97 14.14 1.17
C LEU A 307 17.38 12.90 1.85
N ARG A 308 18.13 11.80 1.69
CA ARG A 308 17.60 10.54 2.27
C ARG A 308 17.31 10.67 3.76
N LYS A 309 18.28 11.25 4.45
CA LYS A 309 18.19 11.44 5.90
C LYS A 309 17.03 12.36 6.23
N GLU A 310 16.89 13.41 5.41
CA GLU A 310 15.77 14.33 5.72
C GLU A 310 14.46 13.56 5.60
N TRP A 311 14.43 12.80 4.50
CA TRP A 311 13.28 11.95 4.19
C TRP A 311 12.91 11.07 5.36
N LEU A 312 13.89 10.36 5.94
CA LEU A 312 13.53 9.47 7.07
C LEU A 312 12.97 10.29 8.22
N VAL A 313 13.50 11.49 8.43
CA VAL A 313 12.93 12.31 9.55
C VAL A 313 11.47 12.64 9.29
N GLU A 314 11.26 12.98 8.03
CA GLU A 314 9.92 13.36 7.55
C GLU A 314 8.95 12.19 7.68
N VAL A 315 9.44 10.97 7.43
CA VAL A 315 8.55 9.79 7.54
C VAL A 315 8.14 9.53 8.98
N LYS A 316 9.08 9.74 9.90
CA LYS A 316 8.80 9.55 11.34
C LYS A 316 7.74 10.58 11.76
N GLY A 317 7.98 11.79 11.29
CA GLY A 317 7.12 12.95 11.54
C GLY A 317 5.65 12.66 11.29
N MET A 318 5.38 12.07 10.14
CA MET A 318 4.11 11.66 9.56
C MET A 318 3.41 10.59 10.37
N ALA A 319 4.17 9.57 10.71
CA ALA A 319 3.67 8.41 11.49
C ALA A 319 3.30 8.90 12.88
N ASP A 320 4.26 9.71 13.40
CA ASP A 320 4.04 10.30 14.73
C ASP A 320 2.65 10.96 14.82
N ARG A 321 2.46 11.89 13.88
CA ARG A 321 1.24 12.70 13.80
C ARG A 321 0.02 11.78 13.74
N ILE A 322 0.14 10.76 12.88
CA ILE A 322 -0.96 9.79 12.76
C ILE A 322 -1.23 9.27 14.17
N ILE A 323 -0.19 8.89 14.91
CA ILE A 323 -0.37 8.38 16.28
C ILE A 323 -1.12 9.30 17.22
N SER A 324 -0.68 10.57 17.16
CA SER A 324 -1.31 11.61 18.01
C SER A 324 -2.81 11.67 17.75
N MET A 325 -3.17 11.64 16.47
CA MET A 325 -4.57 11.72 16.02
C MET A 325 -5.35 10.53 16.54
N ARG A 326 -4.76 9.33 16.55
CA ARG A 326 -5.50 8.14 17.05
C ARG A 326 -5.91 8.33 18.51
N THR A 327 -4.84 8.70 19.23
CA THR A 327 -4.85 8.99 20.66
C THR A 327 -5.98 9.94 20.98
N GLN A 328 -5.77 11.09 20.32
CA GLN A 328 -6.78 12.15 20.55
C GLN A 328 -8.18 11.69 20.23
N LEU A 329 -8.23 10.97 19.10
CA LEU A 329 -9.60 10.55 18.68
C LEU A 329 -10.26 9.87 19.86
N VAL A 330 -9.45 8.89 20.31
CA VAL A 330 -10.00 8.09 21.43
C VAL A 330 -10.40 8.88 22.66
N SER A 331 -9.61 9.89 22.93
CA SER A 331 -9.80 10.73 24.11
C SER A 331 -11.10 11.50 24.00
N ASN A 332 -11.25 12.05 22.81
CA ASN A 332 -12.47 12.84 22.51
C ASN A 332 -13.69 11.97 22.58
N LEU A 333 -13.56 10.71 22.18
CA LEU A 333 -14.73 9.82 22.25
C LEU A 333 -15.18 9.64 23.70
N LYS A 334 -14.18 9.51 24.57
CA LYS A 334 -14.50 9.31 26.01
C LYS A 334 -15.09 10.62 26.55
N LYS A 335 -14.47 11.73 26.16
CA LYS A 335 -14.87 13.08 26.52
C LYS A 335 -16.34 13.29 26.15
N GLU A 336 -16.66 12.79 24.96
CA GLU A 336 -18.02 12.89 24.42
C GLU A 336 -18.95 12.00 25.22
N GLY A 337 -18.39 10.96 25.83
CA GLY A 337 -19.13 10.03 26.67
C GLY A 337 -19.42 8.72 25.99
N SER A 338 -18.58 8.40 25.00
CA SER A 338 -18.84 7.15 24.27
C SER A 338 -18.66 5.93 25.17
N SER A 339 -19.60 5.03 25.12
CA SER A 339 -19.56 3.80 25.92
C SER A 339 -18.71 2.68 25.34
N HIS A 340 -18.52 2.78 24.04
CA HIS A 340 -17.79 1.73 23.34
C HIS A 340 -16.30 1.78 23.57
N ASN A 341 -15.79 0.58 23.34
CA ASN A 341 -14.32 0.38 23.48
C ASN A 341 -13.79 0.84 22.11
N TRP A 342 -12.94 1.84 22.12
CA TRP A 342 -12.37 2.39 20.87
C TRP A 342 -10.88 2.08 20.80
N GLN A 343 -10.44 1.13 21.61
CA GLN A 343 -9.02 0.72 21.69
C GLN A 343 -8.39 0.31 20.37
N HIS A 344 -9.19 -0.31 19.50
CA HIS A 344 -8.70 -0.75 18.16
C HIS A 344 -8.15 0.43 17.35
N ILE A 345 -8.76 1.58 17.51
CA ILE A 345 -8.35 2.83 16.87
C ILE A 345 -6.89 3.12 17.20
N THR A 346 -6.49 2.88 18.46
CA THR A 346 -5.08 3.18 18.82
C THR A 346 -4.20 1.95 18.71
N ASP A 347 -4.91 0.83 18.64
CA ASP A 347 -4.12 -0.43 18.49
C ASP A 347 -3.68 -0.58 17.02
N GLN A 348 -4.54 -0.15 16.09
CA GLN A 348 -4.27 -0.29 14.66
C GLN A 348 -3.11 0.59 14.22
N ILE A 349 -2.43 0.17 13.16
CA ILE A 349 -1.29 0.94 12.64
C ILE A 349 -1.47 1.27 11.16
N GLY A 350 -0.59 2.15 10.70
CA GLY A 350 -0.66 2.55 9.28
C GLY A 350 -1.56 3.79 9.28
N MET A 351 -2.11 4.10 8.12
CA MET A 351 -2.93 5.29 7.94
C MET A 351 -4.39 5.29 8.30
N PHE A 352 -4.97 4.13 8.50
CA PHE A 352 -6.37 3.97 8.82
C PHE A 352 -6.66 3.34 10.17
N CYS A 353 -7.97 3.19 10.34
CA CYS A 353 -8.60 2.55 11.51
C CYS A 353 -9.81 1.84 10.86
N PHE A 354 -9.92 0.58 11.19
CA PHE A 354 -11.04 -0.28 10.72
C PHE A 354 -11.97 -0.28 11.94
N THR A 355 -12.73 0.77 12.04
CA THR A 355 -13.67 1.19 13.05
C THR A 355 -14.75 0.24 13.52
N GLY A 356 -15.28 -0.49 12.57
CA GLY A 356 -16.38 -1.41 12.88
C GLY A 356 -17.76 -0.82 12.60
N LEU A 357 -17.88 0.46 12.32
CA LEU A 357 -19.17 1.10 12.02
C LEU A 357 -19.94 0.30 10.95
N LYS A 358 -21.26 0.25 11.13
CA LYS A 358 -22.11 -0.48 10.15
C LYS A 358 -22.44 0.57 9.08
N PRO A 359 -22.86 0.05 7.95
CA PRO A 359 -23.18 0.90 6.79
C PRO A 359 -24.21 1.95 7.08
N GLU A 360 -25.21 1.71 7.92
CA GLU A 360 -26.22 2.71 8.26
C GLU A 360 -25.55 3.91 8.96
N GLN A 361 -24.55 3.66 9.78
CA GLN A 361 -23.77 4.65 10.53
C GLN A 361 -22.86 5.48 9.63
N VAL A 362 -22.27 4.77 8.66
CA VAL A 362 -21.38 5.40 7.67
C VAL A 362 -22.19 6.48 6.94
N GLU A 363 -23.32 6.04 6.43
CA GLU A 363 -24.33 6.80 5.69
C GLU A 363 -24.73 8.06 6.46
N ARG A 364 -25.14 7.90 7.72
CA ARG A 364 -25.49 9.02 8.58
C ARG A 364 -24.31 10.00 8.68
N LEU A 365 -23.14 9.43 8.92
CA LEU A 365 -21.91 10.23 9.05
C LEU A 365 -21.69 11.20 7.88
N THR A 366 -21.90 10.70 6.68
CA THR A 366 -21.75 11.50 5.45
C THR A 366 -22.85 12.53 5.25
N LYS A 367 -24.05 12.05 5.50
CA LYS A 367 -25.26 12.88 5.36
C LYS A 367 -25.38 13.85 6.50
N GLU A 368 -25.30 13.48 7.78
CA GLU A 368 -25.46 14.55 8.79
C GLU A 368 -24.24 15.41 9.04
N PHE A 369 -23.08 14.75 8.96
CA PHE A 369 -21.83 15.49 9.23
C PHE A 369 -20.93 15.72 8.03
N SER A 370 -21.24 15.17 6.89
CA SER A 370 -20.34 15.33 5.73
C SER A 370 -18.95 14.78 6.00
N ILE A 371 -18.92 13.60 6.63
CA ILE A 371 -17.61 12.93 6.91
C ILE A 371 -17.65 11.71 5.99
N TYR A 372 -16.76 11.73 5.02
CA TYR A 372 -16.65 10.68 4.01
C TYR A 372 -15.60 9.63 4.29
N MET A 373 -15.99 8.37 4.28
CA MET A 373 -15.15 7.17 4.49
C MET A 373 -15.68 6.02 3.62
N THR A 374 -14.93 4.95 3.50
CA THR A 374 -15.42 3.78 2.72
C THR A 374 -16.52 3.12 3.51
N LYS A 375 -17.41 2.46 2.77
CA LYS A 375 -18.59 1.79 3.34
C LYS A 375 -18.28 0.69 4.32
N ASP A 376 -17.08 0.14 4.31
CA ASP A 376 -16.65 -0.94 5.21
C ASP A 376 -16.34 -0.44 6.63
N GLY A 377 -16.44 0.84 6.89
CA GLY A 377 -16.15 1.44 8.20
C GLY A 377 -14.68 1.81 8.27
N ARG A 378 -13.93 1.67 7.20
CA ARG A 378 -12.49 2.04 7.22
C ARG A 378 -12.38 3.57 7.17
N ILE A 379 -11.58 4.21 8.02
CA ILE A 379 -11.45 5.67 7.91
C ILE A 379 -9.94 5.94 7.90
N SER A 380 -9.59 7.03 7.26
CA SER A 380 -8.18 7.44 7.14
C SER A 380 -7.93 8.49 8.24
N VAL A 381 -7.19 8.00 9.23
CA VAL A 381 -6.83 8.82 10.42
C VAL A 381 -5.75 9.76 9.94
N ALA A 382 -5.10 9.31 8.85
CA ALA A 382 -4.04 10.07 8.20
C ALA A 382 -4.52 11.48 7.87
N GLY A 383 -5.78 11.60 7.47
CA GLY A 383 -6.38 12.88 7.11
C GLY A 383 -7.08 13.67 8.18
N VAL A 384 -6.92 13.31 9.43
CA VAL A 384 -7.54 14.07 10.54
C VAL A 384 -6.57 15.14 11.03
N ALA A 385 -7.09 16.29 11.46
CA ALA A 385 -6.17 17.36 11.94
C ALA A 385 -6.60 17.79 13.33
N SER A 386 -5.72 18.46 14.07
CA SER A 386 -6.06 18.89 15.42
C SER A 386 -7.39 19.64 15.46
N SER A 387 -7.72 20.39 14.43
CA SER A 387 -8.93 21.19 14.36
C SER A 387 -10.17 20.36 14.11
N ASN A 388 -10.05 19.10 13.74
CA ASN A 388 -11.34 18.41 13.49
C ASN A 388 -11.41 17.05 14.14
N VAL A 389 -10.41 16.79 15.00
CA VAL A 389 -10.52 15.45 15.69
C VAL A 389 -11.78 15.57 16.56
N GLY A 390 -11.98 16.72 17.20
CA GLY A 390 -13.13 17.00 18.05
C GLY A 390 -14.44 16.72 17.31
N TYR A 391 -14.61 17.38 16.18
CA TYR A 391 -15.79 17.23 15.31
C TYR A 391 -15.97 15.73 14.98
N LEU A 392 -14.90 15.08 14.54
CA LEU A 392 -14.93 13.66 14.19
C LEU A 392 -15.51 12.76 15.27
N ALA A 393 -14.95 12.97 16.45
CA ALA A 393 -15.29 12.22 17.67
C ALA A 393 -16.73 12.42 18.07
N HIS A 394 -17.17 13.65 17.95
CA HIS A 394 -18.58 13.99 18.30
C HIS A 394 -19.57 13.29 17.40
N ALA A 395 -19.15 13.26 16.13
CA ALA A 395 -19.98 12.62 15.10
C ALA A 395 -20.09 11.13 15.30
N ILE A 396 -18.85 10.61 15.48
CA ILE A 396 -18.78 9.14 15.68
C ILE A 396 -19.73 8.75 16.80
N HIS A 397 -19.63 9.50 17.85
CA HIS A 397 -20.44 9.32 19.05
C HIS A 397 -21.91 9.44 18.75
N GLN A 398 -22.34 10.54 18.13
CA GLN A 398 -23.77 10.76 17.83
C GLN A 398 -24.37 9.55 17.14
N VAL A 399 -23.73 9.16 16.07
CA VAL A 399 -24.07 8.01 15.21
C VAL A 399 -23.95 6.62 15.81
N THR A 400 -23.39 6.52 16.98
CA THR A 400 -23.06 5.38 17.82
C THR A 400 -23.75 5.31 19.16
N LYS A 401 -24.09 6.47 19.68
CA LYS A 401 -24.79 6.75 20.93
C LYS A 401 -25.90 5.73 21.16
#